data_8DHU
#
_entry.id   8DHU
#
_cell.length_a   46.808
_cell.length_b   60.737
_cell.length_c   129.199
_cell.angle_alpha   90.000
_cell.angle_beta   90.000
_cell.angle_gamma   90.000
#
_symmetry.space_group_name_H-M   'P 21 21 21'
#
loop_
_entity.id
_entity.type
_entity.pdbx_description
1 polymer 'La-related protein 1'
2 non-polymer '[[(2~{R},3~{S},4~{R},5~{R})-5-(2-azanyl-7-methyl-6-oxidanylidene-1~{H}-purin-9-ium-9-yl)-3,4-bis(oxidanyl)oxolan-2-yl]methoxy-oxidanyl-phosphoryl] [[(2~{R},3~{S},4~{R},5~{R})-5-(4-azanyl-2-oxidanylidene-pyrimidin-1-yl)-3,4-bis(oxidanyl)oxolan-2-yl]methoxy-oxidanyl-phosphoryl] hydrogen phosphate'
3 non-polymer 'MAGNESIUM ION'
4 water water
#
_entity_poly.entity_id   1
_entity_poly.type   'polypeptide(L)'
_entity_poly.pdbx_seq_one_letter_code
;QHPSHALLKENNFTQQAYHKYHSRCLKERRRLGYGQSQEMNTLYRFWSFFLRENFNKSMYNEFRSLALEDAGNGFRYGLE
CLFRFFSYGLEKKFRPNIYQDFQDETIADYETGQLYGLEKFWAFLKYYKNGEKLEVQPKLAEYLKSFKNIED
;
_entity_poly.pdbx_strand_id   A,B
#
loop_
_chem_comp.id
_chem_comp.type
_chem_comp.name
_chem_comp.formula
91P non-polymer '[[(2~{R},3~{S},4~{R},5~{R})-5-(2-azanyl-7-methyl-6-oxidanylidene-1~{H}-purin-9-ium-9-yl)-3,4-bis(oxidanyl)oxolan-2-yl]methoxy-oxidanyl-phosphoryl] [[(2~{R},3~{S},4~{R},5~{R})-5-(4-azanyl-2-oxidanylidene-pyrimidin-1-yl)-3,4-bis(oxidanyl)oxolan-2-yl]methoxy-oxidanyl-phosphoryl] hydrogen phosphate' 'C20 H30 N8 O18 P3 1'
MG non-polymer 'MAGNESIUM ION' 'Mg 2'
#
# COMPACT_ATOMS: atom_id res chain seq x y z
N GLN A 1 24.18 -8.42 10.30
CA GLN A 1 22.90 -7.82 9.92
C GLN A 1 23.08 -7.03 8.63
N HIS A 2 21.98 -6.83 7.93
CA HIS A 2 21.98 -6.07 6.68
C HIS A 2 22.10 -4.59 6.98
N PRO A 3 22.87 -3.82 6.19
CA PRO A 3 23.02 -2.38 6.46
C PRO A 3 21.70 -1.64 6.63
N SER A 4 20.66 -2.02 5.88
CA SER A 4 19.36 -1.37 6.02
C SER A 4 18.84 -1.45 7.45
N HIS A 5 19.29 -2.43 8.23
CA HIS A 5 18.91 -2.52 9.65
C HIS A 5 20.00 -2.01 10.58
N ALA A 6 21.28 -2.26 10.26
CA ALA A 6 22.36 -1.87 11.16
C ALA A 6 22.49 -0.36 11.25
N LEU A 7 22.27 0.35 10.14
CA LEU A 7 22.35 1.79 10.11
C LEU A 7 21.18 2.47 10.81
N LEU A 8 20.16 1.71 11.20
CA LEU A 8 19.06 2.25 11.99
C LEU A 8 19.23 2.02 13.48
N LYS A 9 20.13 1.12 13.87
CA LYS A 9 20.39 0.89 15.28
C LYS A 9 20.73 2.22 15.97
N GLU A 10 20.31 2.33 17.22
CA GLU A 10 20.51 3.56 17.96
C GLU A 10 21.99 3.91 18.07
N ASN A 11 22.35 5.09 17.57
CA ASN A 11 23.66 5.69 17.72
C ASN A 11 24.74 5.06 16.84
N ASN A 12 24.36 4.31 15.80
CA ASN A 12 25.32 3.56 15.01
C ASN A 12 25.50 4.06 13.58
N PHE A 13 24.61 4.94 13.11
CA PHE A 13 24.83 5.52 11.79
C PHE A 13 26.24 6.09 11.65
N THR A 14 26.90 5.74 10.55
CA THR A 14 28.16 6.36 10.16
C THR A 14 28.09 6.69 8.68
N GLN A 15 28.77 7.80 8.34
CA GLN A 15 28.84 8.21 6.94
C GLN A 15 29.56 7.20 6.08
N GLN A 16 30.60 6.60 6.65
CA GLN A 16 31.44 5.74 5.85
C GLN A 16 30.60 4.55 5.45
N ALA A 17 29.79 4.06 6.39
CA ALA A 17 29.03 2.86 6.14
C ALA A 17 27.87 3.15 5.21
N TYR A 18 27.18 4.28 5.39
CA TYR A 18 26.06 4.60 4.52
C TYR A 18 26.51 4.71 3.07
N HIS A 19 27.70 5.27 2.85
CA HIS A 19 28.18 5.49 1.49
C HIS A 19 28.41 4.17 0.77
N LYS A 20 29.03 3.20 1.43
CA LYS A 20 29.21 1.87 0.83
C LYS A 20 27.86 1.24 0.50
N TYR A 21 26.95 1.20 1.48
CA TYR A 21 25.64 0.63 1.27
C TYR A 21 24.89 1.38 0.16
N HIS A 22 24.74 2.69 0.31
CA HIS A 22 24.07 3.49 -0.71
C HIS A 22 24.64 3.21 -2.09
N SER A 23 25.96 3.06 -2.18
CA SER A 23 26.61 2.92 -3.49
C SER A 23 26.09 1.68 -4.22
N ARG A 24 26.21 0.50 -3.59
CA ARG A 24 25.79 -0.72 -4.28
C ARG A 24 24.30 -0.71 -4.61
N CYS A 25 23.50 0.00 -3.83
CA CYS A 25 22.07 0.06 -4.12
C CYS A 25 21.82 0.72 -5.47
N LEU A 26 22.40 1.91 -5.66
CA LEU A 26 22.25 2.60 -6.94
C LEU A 26 22.86 1.79 -8.08
N LYS A 27 24.03 1.19 -7.88
CA LYS A 27 24.61 0.37 -8.93
C LYS A 27 23.66 -0.77 -9.31
N GLU A 28 23.00 -1.36 -8.31
CA GLU A 28 22.07 -2.45 -8.57
C GLU A 28 20.84 -1.97 -9.32
N ARG A 29 20.39 -0.75 -9.03
CA ARG A 29 19.27 -0.17 -9.77
C ARG A 29 19.71 0.21 -11.18
N ARG A 30 20.82 0.94 -11.26
CA ARG A 30 21.42 1.27 -12.53
C ARG A 30 21.77 0.02 -13.34
N ARG A 31 21.85 -1.14 -12.71
CA ARG A 31 22.13 -2.36 -13.47
C ARG A 31 20.87 -3.09 -13.91
N LEU A 32 19.88 -3.20 -13.03
CA LEU A 32 18.71 -4.04 -13.29
C LEU A 32 17.48 -3.26 -13.71
N GLY A 33 17.45 -1.95 -13.49
CA GLY A 33 16.33 -1.14 -13.93
C GLY A 33 15.33 -0.87 -12.83
N TYR A 34 14.38 -0.01 -13.16
CA TYR A 34 13.43 0.49 -12.18
C TYR A 34 12.62 -0.67 -11.59
N GLY A 35 12.50 -0.68 -10.26
CA GLY A 35 11.61 -1.59 -9.58
C GLY A 35 12.08 -3.03 -9.59
N GLN A 36 13.28 -3.28 -10.13
CA GLN A 36 13.80 -4.62 -10.25
C GLN A 36 14.88 -4.96 -9.22
N SER A 37 15.33 -3.98 -8.44
CA SER A 37 16.40 -4.21 -7.47
C SER A 37 15.79 -4.37 -6.08
N GLN A 38 15.89 -5.58 -5.51
CA GLN A 38 15.51 -5.77 -4.12
C GLN A 38 16.44 -5.01 -3.17
N GLU A 39 17.70 -4.83 -3.56
CA GLU A 39 18.62 -4.04 -2.73
C GLU A 39 18.20 -2.58 -2.69
N MET A 40 17.86 -2.01 -3.85
CA MET A 40 17.33 -0.65 -3.89
C MET A 40 16.10 -0.53 -2.99
N ASN A 41 15.27 -1.57 -2.98
CA ASN A 41 14.08 -1.56 -2.15
C ASN A 41 14.43 -1.45 -0.67
N THR A 42 15.51 -2.11 -0.24
CA THR A 42 15.90 -1.99 1.16
C THR A 42 16.27 -0.55 1.49
N LEU A 43 16.80 0.19 0.51
CA LEU A 43 17.17 1.58 0.73
C LEU A 43 15.93 2.47 0.84
N TYR A 44 14.89 2.20 0.04
CA TYR A 44 13.63 2.93 0.21
C TYR A 44 13.10 2.80 1.63
N ARG A 45 13.15 1.58 2.18
CA ARG A 45 12.62 1.38 3.53
C ARG A 45 13.49 2.06 4.57
N PHE A 46 14.81 2.02 4.39
CA PHE A 46 15.73 2.68 5.31
C PHE A 46 15.46 4.18 5.34
N TRP A 47 15.37 4.79 4.16
CA TRP A 47 15.01 6.21 4.09
C TRP A 47 13.67 6.47 4.78
N SER A 48 12.67 5.63 4.52
CA SER A 48 11.35 5.85 5.09
C SER A 48 11.41 5.96 6.61
N PHE A 49 12.19 5.10 7.26
CA PHE A 49 12.28 5.13 8.71
C PHE A 49 13.34 6.11 9.21
N PHE A 50 14.52 6.08 8.60
CA PHE A 50 15.63 6.92 9.05
C PHE A 50 15.20 8.38 9.12
N LEU A 51 14.66 8.91 8.04
CA LEU A 51 14.46 10.36 8.01
C LEU A 51 13.38 10.82 9.00
N ARG A 52 12.54 9.92 9.51
CA ARG A 52 11.47 10.33 10.40
C ARG A 52 11.99 11.09 11.62
N GLU A 53 13.16 10.72 12.11
CA GLU A 53 13.84 11.43 13.20
C GLU A 53 15.14 12.04 12.73
N ASN A 54 15.64 11.53 11.61
CA ASN A 54 17.03 11.55 11.18
C ASN A 54 17.12 12.27 9.84
N PHE A 55 16.36 13.35 9.82
CA PHE A 55 16.03 14.04 8.58
C PHE A 55 17.28 14.62 7.94
N ASN A 56 17.20 14.72 6.62
CA ASN A 56 18.32 15.14 5.80
C ASN A 56 17.72 15.61 4.49
N LYS A 57 17.91 16.89 4.19
CA LYS A 57 17.44 17.44 2.92
C LYS A 57 18.07 16.70 1.74
N SER A 58 19.36 16.37 1.85
CA SER A 58 20.04 15.64 0.79
C SER A 58 19.38 14.29 0.55
N MET A 59 19.29 13.46 1.60
CA MET A 59 18.70 12.13 1.43
C MET A 59 17.24 12.23 1.03
N TYR A 60 16.52 13.20 1.56
CA TYR A 60 15.08 13.29 1.29
C TYR A 60 14.81 13.61 -0.17
N ASN A 61 15.57 14.55 -0.74
CA ASN A 61 15.34 14.93 -2.15
C ASN A 61 15.61 13.75 -3.08
N GLU A 62 16.67 12.99 -2.80
CA GLU A 62 16.95 11.79 -3.58
C GLU A 62 15.82 10.77 -3.44
N PHE A 63 15.51 10.38 -2.19
CA PHE A 63 14.37 9.52 -1.89
C PHE A 63 13.17 9.89 -2.75
N ARG A 64 12.73 11.15 -2.65
CA ARG A 64 11.55 11.60 -3.39
C ARG A 64 11.74 11.42 -4.89
N SER A 65 12.87 11.87 -5.42
CA SER A 65 13.07 11.88 -6.86
C SER A 65 13.07 10.47 -7.43
N LEU A 66 13.80 9.55 -6.80
CA LEU A 66 13.84 8.18 -7.31
C LEU A 66 12.48 7.49 -7.14
N ALA A 67 11.84 7.69 -5.98
CA ALA A 67 10.52 7.11 -5.77
C ALA A 67 9.56 7.52 -6.87
N LEU A 68 9.63 8.77 -7.33
CA LEU A 68 8.68 9.24 -8.34
C LEU A 68 9.05 8.77 -9.74
N GLU A 69 10.35 8.64 -10.04
CA GLU A 69 10.77 7.99 -11.27
C GLU A 69 10.20 6.58 -11.37
N ASP A 70 10.43 5.78 -10.34
CA ASP A 70 9.90 4.41 -10.33
C ASP A 70 8.39 4.40 -10.51
N ALA A 71 7.68 5.20 -9.70
CA ALA A 71 6.22 5.16 -9.72
C ALA A 71 5.67 5.63 -11.05
N GLY A 72 6.38 6.53 -11.72
CA GLY A 72 6.02 6.93 -13.07
C GLY A 72 6.08 5.82 -14.08
N ASN A 73 6.69 4.68 -13.72
CA ASN A 73 6.69 3.50 -14.59
C ASN A 73 5.98 2.32 -13.94
N GLY A 74 5.16 2.57 -12.93
CA GLY A 74 4.30 1.53 -12.38
C GLY A 74 4.83 0.80 -11.17
N PHE A 75 6.04 1.12 -10.70
CA PHE A 75 6.63 0.46 -9.53
C PHE A 75 6.43 1.34 -8.31
N ARG A 76 5.59 0.88 -7.38
CA ARG A 76 5.03 1.74 -6.35
C ARG A 76 5.81 1.73 -5.03
N TYR A 77 6.73 0.79 -4.81
CA TYR A 77 7.22 0.63 -3.44
C TYR A 77 7.87 1.91 -2.91
N GLY A 78 8.72 2.53 -3.72
CA GLY A 78 9.41 3.73 -3.26
C GLY A 78 8.45 4.81 -2.84
N LEU A 79 7.43 5.08 -3.66
CA LEU A 79 6.45 6.11 -3.34
C LEU A 79 5.62 5.72 -2.13
N GLU A 80 5.32 4.43 -1.97
CA GLU A 80 4.60 3.96 -0.79
C GLU A 80 5.41 4.20 0.48
N CYS A 81 6.72 3.97 0.41
CA CYS A 81 7.59 4.29 1.53
C CYS A 81 7.65 5.79 1.79
N LEU A 82 7.52 6.62 0.74
CA LEU A 82 7.58 8.05 0.94
C LEU A 82 6.32 8.56 1.66
N PHE A 83 5.16 8.06 1.26
CA PHE A 83 3.93 8.46 1.93
C PHE A 83 3.94 8.00 3.39
N ARG A 84 4.47 6.81 3.64
CA ARG A 84 4.62 6.36 5.02
C ARG A 84 5.55 7.28 5.79
N PHE A 85 6.62 7.76 5.14
CA PHE A 85 7.48 8.72 5.81
C PHE A 85 6.74 10.02 6.09
N PHE A 86 5.98 10.50 5.10
CA PHE A 86 5.21 11.72 5.29
C PHE A 86 4.28 11.58 6.49
N SER A 87 3.51 10.50 6.53
CA SER A 87 2.44 10.38 7.51
C SER A 87 2.97 10.18 8.92
N TYR A 88 3.98 9.34 9.09
CA TYR A 88 4.53 9.08 10.42
C TYR A 88 5.67 10.01 10.79
N GLY A 89 6.41 10.51 9.80
CA GLY A 89 7.45 11.48 10.11
C GLY A 89 6.91 12.79 10.63
N LEU A 90 5.88 13.32 9.96
CA LEU A 90 5.30 14.59 10.40
C LEU A 90 4.60 14.48 11.75
N GLU A 91 4.09 13.29 12.09
CA GLU A 91 3.54 13.06 13.42
C GLU A 91 4.60 13.18 14.50
N LYS A 92 5.85 12.84 14.18
CA LYS A 92 6.94 12.90 15.15
C LYS A 92 7.63 14.25 15.19
N LYS A 93 7.67 14.95 14.05
CA LYS A 93 8.23 16.30 14.00
C LYS A 93 7.64 17.00 12.78
N PHE A 94 6.76 17.96 13.02
CA PHE A 94 6.08 18.67 11.95
C PHE A 94 7.05 19.65 11.28
N ARG A 95 7.20 19.53 9.97
CA ARG A 95 7.99 20.46 9.16
C ARG A 95 7.06 21.07 8.12
N PRO A 96 6.76 22.36 8.17
CA PRO A 96 5.80 22.94 7.20
C PRO A 96 6.17 22.67 5.75
N ASN A 97 7.44 22.82 5.37
CA ASN A 97 7.81 22.52 3.99
C ASN A 97 7.46 21.08 3.62
N ILE A 98 7.71 20.14 4.53
CA ILE A 98 7.42 18.74 4.21
C ILE A 98 5.93 18.48 4.21
N TYR A 99 5.17 19.20 5.06
CA TYR A 99 3.71 19.09 5.00
C TYR A 99 3.19 19.53 3.64
N GLN A 100 3.67 20.68 3.12
CA GLN A 100 3.22 21.13 1.81
C GLN A 100 3.51 20.08 0.75
N ASP A 101 4.72 19.52 0.79
CA ASP A 101 5.11 18.46 -0.14
C ASP A 101 4.15 17.29 -0.03
N PHE A 102 3.86 16.87 1.21
CA PHE A 102 2.90 15.80 1.44
C PHE A 102 1.62 16.08 0.68
N GLN A 103 1.08 17.29 0.82
CA GLN A 103 -0.10 17.68 0.04
C GLN A 103 0.16 17.51 -1.45
N ASP A 104 1.28 18.07 -1.94
CA ASP A 104 1.57 18.05 -3.38
C ASP A 104 1.60 16.63 -3.92
N GLU A 105 2.28 15.72 -3.22
CA GLU A 105 2.39 14.35 -3.72
C GLU A 105 1.09 13.57 -3.55
N THR A 106 0.27 13.93 -2.56
CA THR A 106 -1.04 13.30 -2.43
C THR A 106 -1.93 13.66 -3.61
N ILE A 107 -1.99 14.96 -3.95
CA ILE A 107 -2.77 15.38 -5.11
C ILE A 107 -2.29 14.65 -6.36
N ALA A 108 -0.98 14.66 -6.61
CA ALA A 108 -0.46 14.00 -7.79
C ALA A 108 -0.80 12.50 -7.78
N ASP A 109 -0.74 11.86 -6.62
CA ASP A 109 -1.05 10.43 -6.55
C ASP A 109 -2.52 10.16 -6.88
N TYR A 110 -3.44 10.96 -6.30
CA TYR A 110 -4.86 10.80 -6.57
C TYR A 110 -5.15 10.94 -8.07
N GLU A 111 -4.58 11.97 -8.70
CA GLU A 111 -4.87 12.26 -10.10
C GLU A 111 -4.26 11.24 -11.05
N THR A 112 -3.36 10.36 -10.58
CA THR A 112 -2.98 9.20 -11.36
C THR A 112 -3.92 8.02 -11.12
N GLY A 113 -4.96 8.20 -10.32
CA GLY A 113 -5.91 7.15 -10.08
C GLY A 113 -5.56 6.21 -8.95
N GLN A 114 -4.78 6.65 -7.98
CA GLN A 114 -4.46 5.85 -6.82
C GLN A 114 -5.13 6.45 -5.58
N LEU A 115 -5.31 5.61 -4.56
CA LEU A 115 -5.81 6.06 -3.28
C LEU A 115 -4.83 5.84 -2.14
N TYR A 116 -3.67 5.22 -2.41
CA TYR A 116 -2.76 4.92 -1.31
C TYR A 116 -2.29 6.19 -0.61
N GLY A 117 -1.98 7.23 -1.39
CA GLY A 117 -1.51 8.47 -0.78
C GLY A 117 -2.60 9.22 -0.05
N LEU A 118 -3.79 9.30 -0.65
CA LEU A 118 -4.86 10.05 -0.01
C LEU A 118 -5.23 9.45 1.33
N GLU A 119 -5.34 8.12 1.42
CA GLU A 119 -5.63 7.51 2.70
C GLU A 119 -4.58 7.86 3.73
N LYS A 120 -3.30 7.80 3.34
CA LYS A 120 -2.23 8.16 4.25
C LYS A 120 -2.36 9.61 4.71
N PHE A 121 -2.78 10.51 3.81
CA PHE A 121 -2.99 11.89 4.21
C PHE A 121 -4.17 12.01 5.17
N TRP A 122 -5.30 11.39 4.82
CA TRP A 122 -6.44 11.31 5.74
C TRP A 122 -6.02 10.79 7.11
N ALA A 123 -5.25 9.70 7.13
CA ALA A 123 -4.79 9.13 8.39
C ALA A 123 -4.01 10.16 9.21
N PHE A 124 -3.17 10.95 8.54
CA PHE A 124 -2.35 11.92 9.25
C PHE A 124 -3.21 13.01 9.89
N LEU A 125 -4.07 13.64 9.11
CA LEU A 125 -4.91 14.71 9.63
C LEU A 125 -5.76 14.22 10.79
N LYS A 126 -6.24 12.98 10.71
CA LYS A 126 -7.08 12.42 11.78
C LYS A 126 -6.29 12.28 13.07
N TYR A 127 -5.12 11.63 13.00
CA TYR A 127 -4.32 11.40 14.19
C TYR A 127 -3.43 12.58 14.55
N TYR A 128 -2.99 13.39 13.59
CA TYR A 128 -2.23 14.55 13.99
C TYR A 128 -3.03 15.33 15.02
N LYS A 129 -2.48 15.39 16.22
CA LYS A 129 -3.16 15.74 17.46
C LYS A 129 -3.53 17.22 17.51
N ASN A 130 -2.69 18.08 16.92
CA ASN A 130 -3.08 19.44 16.59
C ASN A 130 -4.26 19.40 15.62
N LEU A 134 -5.31 22.23 10.35
CA LEU A 134 -4.30 22.47 9.33
C LEU A 134 -4.96 22.95 8.03
N GLU A 135 -4.37 23.95 7.39
CA GLU A 135 -4.85 24.40 6.09
C GLU A 135 -4.55 23.34 5.02
N VAL A 136 -5.49 23.18 4.10
CA VAL A 136 -5.40 22.16 3.06
C VAL A 136 -5.78 22.81 1.73
N GLN A 137 -4.97 22.58 0.70
CA GLN A 137 -5.30 23.01 -0.65
C GLN A 137 -6.70 22.62 -0.96
N PRO A 138 -7.61 23.55 -1.36
CA PRO A 138 -9.01 23.22 -1.56
C PRO A 138 -9.25 22.07 -2.55
N LYS A 139 -8.32 21.80 -3.46
CA LYS A 139 -8.49 20.65 -4.34
C LYS A 139 -8.36 19.34 -3.57
N LEU A 140 -7.31 19.23 -2.75
CA LEU A 140 -7.21 18.08 -1.85
C LEU A 140 -8.32 18.09 -0.81
N ALA A 141 -8.80 19.27 -0.44
CA ALA A 141 -9.91 19.35 0.51
C ALA A 141 -11.13 18.62 -0.04
N GLU A 142 -11.45 18.84 -1.31
CA GLU A 142 -12.60 18.16 -1.90
C GLU A 142 -12.32 16.68 -2.12
N TYR A 143 -11.10 16.33 -2.53
CA TYR A 143 -10.78 14.91 -2.70
C TYR A 143 -10.98 14.15 -1.39
N LEU A 144 -10.65 14.79 -0.27
CA LEU A 144 -10.73 14.15 1.04
C LEU A 144 -12.18 13.99 1.47
N LYS A 145 -13.01 14.96 1.12
CA LYS A 145 -14.44 14.88 1.40
C LYS A 145 -15.08 13.69 0.70
N SER A 146 -14.68 13.41 -0.53
CA SER A 146 -15.22 12.24 -1.22
C SER A 146 -14.71 10.93 -0.62
N PHE A 147 -13.47 10.94 -0.12
CA PHE A 147 -12.91 9.78 0.58
C PHE A 147 -13.68 9.47 1.86
N LYS A 148 -14.53 10.39 2.30
CA LYS A 148 -15.27 10.15 3.53
C LYS A 148 -16.26 8.96 3.40
N ASN A 149 -16.73 8.67 2.17
CA ASN A 149 -17.49 7.49 1.76
C ASN A 149 -16.71 6.17 1.82
N ILE A 150 -15.40 6.20 2.08
CA ILE A 150 -14.58 4.99 2.19
C ILE A 150 -14.11 4.78 3.62
N GLU A 151 -13.43 5.78 4.19
CA GLU A 151 -12.97 5.68 5.58
C GLU A 151 -13.10 7.01 6.30
N GLN B 1 -24.58 8.06 5.73
CA GLN B 1 -25.44 6.98 5.29
C GLN B 1 -24.94 6.23 4.05
N HIS B 2 -23.72 6.51 3.60
CA HIS B 2 -23.27 5.94 2.33
C HIS B 2 -23.45 4.43 2.35
N PRO B 3 -24.00 3.83 1.28
CA PRO B 3 -24.27 2.39 1.32
C PRO B 3 -23.06 1.54 1.74
N SER B 4 -21.86 1.91 1.30
CA SER B 4 -20.69 1.10 1.62
C SER B 4 -20.41 1.05 3.11
N HIS B 5 -20.95 1.98 3.88
CA HIS B 5 -20.90 1.92 5.34
C HIS B 5 -22.17 1.35 5.95
N ALA B 6 -23.34 1.74 5.44
CA ALA B 6 -24.58 1.23 5.98
C ALA B 6 -24.66 -0.28 5.84
N LEU B 7 -24.32 -0.81 4.67
CA LEU B 7 -24.42 -2.25 4.46
C LEU B 7 -23.40 -3.04 5.26
N LEU B 8 -22.47 -2.38 5.94
CA LEU B 8 -21.52 -3.07 6.81
C LEU B 8 -22.00 -3.15 8.24
N LYS B 9 -22.96 -2.31 8.63
CA LYS B 9 -23.51 -2.25 10.00
C LYS B 9 -23.93 -3.60 10.53
N ASN B 11 -26.32 -6.34 11.13
CA ASN B 11 -27.57 -6.97 10.72
C ASN B 11 -28.34 -6.14 9.71
N ASN B 12 -27.67 -5.18 9.08
CA ASN B 12 -28.33 -4.26 8.17
C ASN B 12 -28.10 -4.59 6.70
N PHE B 13 -27.38 -5.67 6.40
CA PHE B 13 -27.16 -6.01 5.00
C PHE B 13 -28.46 -6.50 4.37
N THR B 14 -28.69 -6.11 3.13
CA THR B 14 -29.88 -6.47 2.38
C THR B 14 -29.47 -6.75 0.94
N GLN B 15 -30.06 -7.78 0.35
CA GLN B 15 -29.80 -8.06 -1.06
C GLN B 15 -30.34 -6.93 -1.95
N GLN B 16 -31.57 -6.48 -1.67
CA GLN B 16 -32.16 -5.40 -2.44
C GLN B 16 -31.25 -4.16 -2.42
N ALA B 17 -30.81 -3.76 -1.22
CA ALA B 17 -30.02 -2.54 -1.10
C ALA B 17 -28.62 -2.72 -1.71
N TYR B 18 -28.00 -3.87 -1.49
CA TYR B 18 -26.74 -4.16 -2.17
C TYR B 18 -26.89 -4.07 -3.68
N HIS B 19 -28.11 -4.23 -4.18
CA HIS B 19 -28.26 -4.38 -5.62
C HIS B 19 -28.17 -3.05 -6.36
N LYS B 20 -29.01 -2.08 -5.95
CA LYS B 20 -28.94 -0.71 -6.45
C LYS B 20 -27.54 -0.16 -6.34
N TYR B 21 -26.85 -0.43 -5.22
CA TYR B 21 -25.52 0.11 -4.99
C TYR B 21 -24.48 -0.54 -5.91
N HIS B 22 -24.43 -1.88 -5.91
CA HIS B 22 -23.52 -2.59 -6.81
C HIS B 22 -23.70 -2.14 -8.25
N SER B 23 -24.96 -2.05 -8.68
CA SER B 23 -25.25 -1.59 -10.04
C SER B 23 -24.67 -0.21 -10.31
N ARG B 24 -24.99 0.77 -9.46
CA ARG B 24 -24.46 2.12 -9.67
C ARG B 24 -22.94 2.12 -9.74
N CYS B 25 -22.29 1.32 -8.89
CA CYS B 25 -20.83 1.30 -8.85
C CYS B 25 -20.25 0.81 -10.17
N LEU B 26 -20.75 -0.32 -10.68
CA LEU B 26 -20.23 -0.86 -11.92
C LEU B 26 -20.61 0.02 -13.11
N LYS B 27 -21.77 0.66 -13.07
CA LYS B 27 -22.13 1.63 -14.10
C LYS B 27 -21.09 2.73 -14.20
N GLU B 28 -20.66 3.27 -13.05
CA GLU B 28 -19.73 4.39 -13.05
C GLU B 28 -18.36 3.95 -13.57
N ARG B 29 -17.89 2.76 -13.18
CA ARG B 29 -16.61 2.26 -13.66
C ARG B 29 -16.64 2.08 -15.18
N ARG B 30 -17.73 1.48 -15.66
CA ARG B 30 -17.97 1.27 -17.08
C ARG B 30 -18.03 2.59 -17.85
N ARG B 31 -18.54 3.64 -17.24
CA ARG B 31 -18.66 4.86 -18.00
C ARG B 31 -17.40 5.71 -17.92
N LEU B 32 -16.62 5.55 -16.86
CA LEU B 32 -15.47 6.42 -16.65
C LEU B 32 -14.14 5.74 -16.87
N GLY B 33 -14.09 4.41 -16.90
CA GLY B 33 -12.85 3.69 -17.15
C GLY B 33 -12.19 3.22 -15.86
N TYR B 34 -11.17 2.38 -16.05
CA TYR B 34 -10.53 1.72 -14.92
C TYR B 34 -9.87 2.73 -13.99
N GLY B 35 -10.12 2.57 -12.69
CA GLY B 35 -9.51 3.42 -11.70
C GLY B 35 -9.95 4.87 -11.73
N GLN B 36 -11.00 5.18 -12.48
CA GLN B 36 -11.49 6.55 -12.59
C GLN B 36 -12.74 6.80 -11.75
N SER B 37 -13.38 5.76 -11.21
CA SER B 37 -14.61 5.90 -10.45
C SER B 37 -14.33 5.76 -8.96
N GLN B 38 -14.62 6.82 -8.20
CA GLN B 38 -14.50 6.74 -6.75
C GLN B 38 -15.59 5.85 -6.16
N GLU B 39 -16.80 5.92 -6.70
CA GLU B 39 -17.86 5.01 -6.25
C GLU B 39 -17.40 3.56 -6.36
N MET B 40 -16.73 3.21 -7.47
CA MET B 40 -16.19 1.87 -7.59
C MET B 40 -15.19 1.59 -6.49
N ASN B 41 -14.37 2.59 -6.13
CA ASN B 41 -13.43 2.41 -5.04
C ASN B 41 -14.14 2.10 -3.73
N THR B 42 -15.26 2.77 -3.46
CA THR B 42 -15.97 2.48 -2.22
C THR B 42 -16.38 1.01 -2.17
N LEU B 43 -16.72 0.44 -3.33
CA LEU B 43 -17.12 -0.97 -3.36
C LEU B 43 -15.93 -1.88 -3.09
N TYR B 44 -14.76 -1.58 -3.66
CA TYR B 44 -13.57 -2.35 -3.36
C TYR B 44 -13.34 -2.42 -1.86
N ARG B 45 -13.47 -1.27 -1.18
CA ARG B 45 -13.27 -1.24 0.27
C ARG B 45 -14.42 -1.96 0.98
N PHE B 46 -15.66 -1.76 0.52
CA PHE B 46 -16.76 -2.52 1.12
C PHE B 46 -16.47 -4.01 1.07
N TRP B 47 -16.09 -4.50 -0.11
CA TRP B 47 -15.79 -5.92 -0.27
C TRP B 47 -14.68 -6.35 0.67
N SER B 48 -13.65 -5.52 0.82
CA SER B 48 -12.48 -5.91 1.60
C SER B 48 -12.86 -6.18 3.06
N PHE B 49 -13.78 -5.41 3.62
CA PHE B 49 -14.20 -5.62 5.00
C PHE B 49 -15.32 -6.65 5.11
N PHE B 50 -16.33 -6.57 4.23
CA PHE B 50 -17.52 -7.39 4.38
C PHE B 50 -17.20 -8.87 4.35
N LEU B 51 -16.30 -9.28 3.44
CA LEU B 51 -16.04 -10.70 3.21
C LEU B 51 -15.19 -11.34 4.30
N ARG B 52 -14.46 -10.55 5.09
CA ARG B 52 -13.70 -11.12 6.21
C ARG B 52 -14.57 -11.96 7.10
N GLU B 53 -15.87 -11.63 7.17
CA GLU B 53 -16.77 -12.14 8.20
C GLU B 53 -18.12 -12.53 7.61
N ASN B 54 -18.30 -12.29 6.31
CA ASN B 54 -19.49 -12.66 5.55
C ASN B 54 -19.04 -13.18 4.20
N PHE B 55 -18.18 -14.20 4.20
CA PHE B 55 -17.57 -14.62 2.95
C PHE B 55 -18.57 -15.30 2.04
N ASN B 56 -18.51 -14.97 0.75
CA ASN B 56 -19.27 -15.67 -0.26
C ASN B 56 -18.48 -15.66 -1.57
N LYS B 57 -18.56 -16.77 -2.31
CA LYS B 57 -17.69 -16.97 -3.46
C LYS B 57 -17.95 -15.93 -4.55
N SER B 58 -19.22 -15.60 -4.79
CA SER B 58 -19.58 -14.75 -5.92
C SER B 58 -18.96 -13.37 -5.79
N MET B 59 -19.22 -12.71 -4.66
CA MET B 59 -18.66 -11.38 -4.40
C MET B 59 -17.13 -11.42 -4.43
N TYR B 60 -16.52 -12.52 -3.98
CA TYR B 60 -15.07 -12.61 -3.94
C TYR B 60 -14.46 -12.80 -5.32
N ASN B 61 -15.08 -13.61 -6.18
CA ASN B 61 -14.54 -13.82 -7.51
C ASN B 61 -14.58 -12.54 -8.34
N GLU B 62 -15.67 -11.77 -8.21
CA GLU B 62 -15.75 -10.49 -8.90
C GLU B 62 -14.70 -9.52 -8.38
N PHE B 63 -14.59 -9.42 -7.05
CA PHE B 63 -13.58 -8.59 -6.39
C PHE B 63 -12.19 -8.84 -6.97
N ARG B 64 -11.78 -10.11 -7.01
CA ARG B 64 -10.47 -10.47 -7.52
C ARG B 64 -10.33 -10.11 -9.00
N SER B 65 -11.35 -10.43 -9.79
CA SER B 65 -11.28 -10.19 -11.24
C SER B 65 -11.11 -8.71 -11.53
N LEU B 66 -12.03 -7.88 -11.04
CA LEU B 66 -11.96 -6.45 -11.30
C LEU B 66 -10.68 -5.84 -10.73
N ALA B 67 -10.22 -6.34 -9.59
CA ALA B 67 -9.02 -5.78 -8.96
C ALA B 67 -7.78 -6.10 -9.76
N LEU B 68 -7.67 -7.32 -10.30
CA LEU B 68 -6.50 -7.66 -11.10
C LEU B 68 -6.52 -6.97 -12.45
N GLU B 69 -7.72 -6.72 -12.98
CA GLU B 69 -7.85 -5.96 -14.22
C GLU B 69 -7.43 -4.51 -14.06
N ASP B 70 -7.95 -3.84 -13.03
CA ASP B 70 -7.51 -2.49 -12.74
C ASP B 70 -6.00 -2.42 -12.62
N ALA B 71 -5.42 -3.33 -11.82
CA ALA B 71 -3.98 -3.28 -11.53
C ALA B 71 -3.15 -3.59 -12.76
N GLY B 72 -3.68 -4.40 -13.69
CA GLY B 72 -2.98 -4.64 -14.93
C GLY B 72 -2.86 -3.41 -15.81
N ASN B 73 -3.60 -2.35 -15.48
CA ASN B 73 -3.51 -1.07 -16.17
C ASN B 73 -2.97 0.02 -15.26
N GLY B 74 -2.43 -0.36 -14.10
CA GLY B 74 -1.72 0.56 -13.23
C GLY B 74 -2.52 1.13 -12.09
N PHE B 75 -3.79 0.76 -11.94
CA PHE B 75 -4.66 1.26 -10.87
C PHE B 75 -4.76 0.20 -9.78
N ARG B 76 -4.21 0.51 -8.60
CA ARG B 76 -3.91 -0.55 -7.65
C ARG B 76 -4.75 -0.55 -6.38
N TYR B 77 -5.72 0.34 -6.22
CA TYR B 77 -6.47 0.36 -4.97
C TYR B 77 -7.21 -0.95 -4.76
N GLY B 78 -7.85 -1.47 -5.81
CA GLY B 78 -8.63 -2.69 -5.67
C GLY B 78 -7.78 -3.87 -5.26
N LEU B 79 -6.60 -4.03 -5.88
CA LEU B 79 -5.70 -5.11 -5.49
C LEU B 79 -5.20 -4.91 -4.08
N GLU B 80 -4.85 -3.67 -3.72
CA GLU B 80 -4.48 -3.37 -2.33
C GLU B 80 -5.60 -3.77 -1.38
N CYS B 81 -6.84 -3.42 -1.73
CA CYS B 81 -7.97 -3.83 -0.90
C CYS B 81 -8.07 -5.35 -0.83
N LEU B 82 -7.70 -6.04 -1.92
CA LEU B 82 -7.76 -7.50 -1.91
C LEU B 82 -6.70 -8.08 -0.99
N PHE B 83 -5.48 -7.58 -1.06
CA PHE B 83 -4.43 -8.04 -0.16
C PHE B 83 -4.78 -7.74 1.28
N ARG B 84 -5.46 -6.62 1.54
CA ARG B 84 -5.96 -6.35 2.89
C ARG B 84 -6.99 -7.40 3.31
N PHE B 85 -7.85 -7.83 2.36
CA PHE B 85 -8.81 -8.87 2.70
C PHE B 85 -8.11 -10.18 3.04
N PHE B 86 -7.11 -10.55 2.23
CA PHE B 86 -6.36 -11.77 2.48
C PHE B 86 -5.73 -11.73 3.87
N SER B 87 -4.95 -10.68 4.16
CA SER B 87 -4.10 -10.68 5.34
C SER B 87 -4.91 -10.58 6.62
N TYR B 88 -5.92 -9.72 6.65
CA TYR B 88 -6.72 -9.56 7.85
C TYR B 88 -7.87 -10.55 7.95
N GLY B 89 -8.43 -10.96 6.81
CA GLY B 89 -9.59 -11.83 6.84
C GLY B 89 -9.26 -13.26 7.19
N LEU B 90 -8.07 -13.72 6.81
CA LEU B 90 -7.65 -15.08 7.17
C LEU B 90 -7.38 -15.22 8.66
N GLU B 91 -7.25 -14.09 9.38
CA GLU B 91 -7.22 -14.17 10.83
C GLU B 91 -8.62 -14.37 11.40
N LYS B 92 -9.61 -13.67 10.86
CA LYS B 92 -10.99 -13.85 11.31
C LYS B 92 -11.46 -15.28 11.04
N LYS B 93 -11.08 -15.83 9.89
CA LYS B 93 -11.45 -17.20 9.54
C LYS B 93 -10.56 -17.70 8.41
N PHE B 94 -9.81 -18.75 8.68
CA PHE B 94 -8.88 -19.32 7.72
C PHE B 94 -9.56 -20.33 6.82
N ARG B 95 -9.16 -20.33 5.55
CA ARG B 95 -9.71 -21.26 4.61
C ARG B 95 -8.58 -21.64 3.67
N PRO B 96 -8.36 -22.93 3.44
CA PRO B 96 -7.18 -23.33 2.66
C PRO B 96 -7.18 -22.78 1.23
N ASN B 97 -8.32 -22.87 0.54
CA ASN B 97 -8.37 -22.41 -0.85
C ASN B 97 -8.13 -20.91 -0.95
N ILE B 98 -8.53 -20.15 0.07
CA ILE B 98 -8.24 -18.72 0.08
C ILE B 98 -6.78 -18.47 0.37
N TYR B 99 -6.24 -19.15 1.40
CA TYR B 99 -4.81 -19.03 1.68
C TYR B 99 -3.98 -19.30 0.44
N GLN B 100 -4.47 -20.21 -0.41
CA GLN B 100 -3.78 -20.61 -1.62
C GLN B 100 -3.89 -19.54 -2.71
N ASP B 101 -5.07 -18.91 -2.82
CA ASP B 101 -5.18 -17.75 -3.69
C ASP B 101 -4.22 -16.65 -3.24
N PHE B 102 -4.06 -16.50 -1.93
CA PHE B 102 -3.22 -15.44 -1.36
C PHE B 102 -1.75 -15.64 -1.75
N GLN B 103 -1.24 -16.87 -1.64
CA GLN B 103 0.12 -17.13 -2.08
C GLN B 103 0.30 -16.79 -3.55
N ASP B 104 -0.64 -17.25 -4.39
CA ASP B 104 -0.49 -17.08 -5.83
C ASP B 104 -0.52 -15.60 -6.21
N GLU B 105 -1.48 -14.86 -5.68
CA GLU B 105 -1.57 -13.43 -5.98
C GLU B 105 -0.36 -12.68 -5.45
N THR B 106 0.25 -13.17 -4.37
CA THR B 106 1.45 -12.52 -3.83
C THR B 106 2.64 -12.77 -4.75
N ILE B 107 2.77 -13.99 -5.29
CA ILE B 107 3.85 -14.28 -6.22
C ILE B 107 3.72 -13.44 -7.48
N ALA B 108 2.50 -13.34 -8.02
CA ALA B 108 2.29 -12.51 -9.20
C ALA B 108 2.57 -11.04 -8.91
N ASP B 109 2.09 -10.52 -7.79
CA ASP B 109 2.36 -9.13 -7.44
C ASP B 109 3.86 -8.86 -7.38
N TYR B 110 4.60 -9.73 -6.70
CA TYR B 110 6.05 -9.56 -6.57
C TYR B 110 6.73 -9.59 -7.93
N GLU B 111 6.26 -10.45 -8.83
CA GLU B 111 6.88 -10.59 -10.14
C GLU B 111 6.47 -9.49 -11.12
N THR B 112 5.53 -8.63 -10.75
CA THR B 112 5.35 -7.37 -11.47
C THR B 112 6.22 -6.25 -10.91
N GLY B 113 7.02 -6.53 -9.87
CA GLY B 113 7.88 -5.52 -9.28
C GLY B 113 7.24 -4.72 -8.16
N GLN B 114 6.47 -5.40 -7.32
CA GLN B 114 5.76 -4.74 -6.22
C GLN B 114 6.05 -5.47 -4.92
N LEU B 115 5.99 -4.75 -3.82
CA LEU B 115 6.16 -5.33 -2.50
C LEU B 115 4.91 -5.25 -1.63
N TYR B 116 3.89 -4.49 -2.05
CA TYR B 116 2.69 -4.39 -1.23
C TYR B 116 2.15 -5.77 -0.88
N GLY B 117 1.96 -6.62 -1.88
CA GLY B 117 1.43 -7.95 -1.62
C GLY B 117 2.32 -8.77 -0.71
N LEU B 118 3.63 -8.79 -1.02
CA LEU B 118 4.54 -9.60 -0.23
C LEU B 118 4.52 -9.19 1.24
N GLU B 119 4.55 -7.88 1.50
CA GLU B 119 4.52 -7.43 2.89
C GLU B 119 3.24 -7.85 3.60
N LYS B 120 2.11 -7.82 2.88
CA LYS B 120 0.86 -8.25 3.50
C LYS B 120 0.88 -9.74 3.82
N PHE B 121 1.50 -10.54 2.94
CA PHE B 121 1.63 -11.96 3.24
C PHE B 121 2.63 -12.19 4.36
N TRP B 122 3.64 -11.33 4.47
CA TRP B 122 4.60 -11.43 5.56
C TRP B 122 3.98 -11.03 6.89
N ALA B 123 3.04 -10.08 6.87
CA ALA B 123 2.32 -9.72 8.08
C ALA B 123 1.36 -10.82 8.50
N PHE B 124 0.70 -11.46 7.54
CA PHE B 124 -0.22 -12.54 7.87
C PHE B 124 0.48 -13.63 8.70
N LEU B 125 1.59 -14.14 8.20
CA LEU B 125 2.30 -15.20 8.90
C LEU B 125 2.85 -14.75 10.24
N LYS B 126 2.90 -13.43 10.49
CA LYS B 126 3.44 -12.87 11.71
C LYS B 126 2.38 -12.60 12.77
N TYR B 127 1.17 -12.23 12.35
CA TYR B 127 0.08 -11.94 13.27
C TYR B 127 -0.97 -13.05 13.32
N TYR B 128 -0.71 -14.19 12.68
CA TYR B 128 -1.65 -15.29 12.64
C TYR B 128 -1.27 -16.33 13.69
N LYS B 129 -2.27 -16.87 14.37
CA LYS B 129 -2.06 -17.87 15.44
C LYS B 129 -1.26 -19.05 14.92
N ASN B 130 -1.83 -19.76 13.94
CA ASN B 130 -1.16 -20.96 13.39
C ASN B 130 -0.19 -20.54 12.29
N GLY B 131 0.51 -19.42 12.48
CA GLY B 131 1.42 -18.90 11.45
C GLY B 131 2.54 -19.84 11.05
N GLU B 132 3.37 -20.27 12.00
CA GLU B 132 4.55 -21.10 11.67
C GLU B 132 4.15 -22.53 11.26
N LYS B 133 2.87 -22.88 11.32
CA LYS B 133 2.43 -24.24 11.00
C LYS B 133 2.03 -24.35 9.53
N LEU B 134 1.96 -23.22 8.79
CA LEU B 134 1.46 -23.26 7.40
C LEU B 134 2.59 -23.57 6.43
N GLU B 135 2.27 -24.27 5.35
CA GLU B 135 3.26 -24.58 4.30
C GLU B 135 3.29 -23.46 3.26
N VAL B 136 4.44 -22.81 3.05
CA VAL B 136 4.61 -21.72 2.04
C VAL B 136 5.12 -22.34 0.75
N GLN B 137 4.38 -22.31 -0.36
CA GLN B 137 4.83 -22.75 -1.71
C GLN B 137 6.31 -22.37 -1.84
N PRO B 138 7.23 -23.22 -2.32
CA PRO B 138 8.69 -22.95 -2.27
C PRO B 138 9.23 -21.68 -2.96
N LYS B 139 8.68 -21.27 -4.09
CA LYS B 139 9.11 -20.08 -4.79
C LYS B 139 8.85 -18.83 -3.96
N LEU B 140 7.70 -18.78 -3.29
CA LEU B 140 7.42 -17.66 -2.40
C LEU B 140 8.27 -17.72 -1.14
N ALA B 141 8.52 -18.94 -0.63
CA ALA B 141 9.45 -19.10 0.48
C ALA B 141 10.77 -18.44 0.17
N GLU B 142 11.19 -18.47 -1.11
CA GLU B 142 12.45 -17.85 -1.49
C GLU B 142 12.36 -16.34 -1.22
N TYR B 143 11.34 -15.72 -1.83
CA TYR B 143 11.17 -14.27 -1.84
C TYR B 143 11.07 -13.69 -0.43
N LEU B 144 10.41 -14.41 0.47
CA LEU B 144 10.30 -13.94 1.85
C LEU B 144 11.67 -13.97 2.57
N LYS B 145 12.53 -14.94 2.27
CA LYS B 145 13.88 -14.89 2.86
C LYS B 145 14.63 -13.64 2.46
N SER B 146 14.31 -13.06 1.31
CA SER B 146 15.02 -11.88 0.88
C SER B 146 14.37 -10.66 1.49
N PHE B 147 13.04 -10.66 1.58
CA PHE B 147 12.32 -9.61 2.29
C PHE B 147 12.80 -9.51 3.74
N LYS B 148 13.51 -10.56 4.22
CA LYS B 148 14.10 -10.51 5.56
C LYS B 148 15.13 -9.36 5.67
N ASN B 149 15.84 -9.02 4.59
CA ASN B 149 16.72 -7.85 4.58
C ASN B 149 15.93 -6.56 4.49
N ILE B 150 14.60 -6.64 4.39
CA ILE B 150 13.78 -5.43 4.25
C ILE B 150 13.10 -5.20 5.59
N GLU B 151 12.23 -6.12 5.97
CA GLU B 151 11.50 -6.08 7.24
C GLU B 151 12.09 -7.15 8.15
N ASP B 152 12.46 -6.76 9.37
CA ASP B 152 13.00 -7.73 10.31
C ASP B 152 12.10 -7.76 11.52
C22 91P C . -2.18 -0.34 6.23
C26 91P C . -5.26 0.25 6.48
C28 91P C . -4.37 0.54 5.59
C01 91P C . -1.33 -4.36 13.46
C03 91P C . -0.31 -4.43 11.21
C05 91P C . 0.51 -4.87 9.03
C07 91P C . 2.50 -3.61 8.63
C08 91P C . 2.67 -2.24 9.36
C23 91P C . -3.39 -0.67 5.57
C25 91P C . -5.45 -1.37 6.37
C31 91P C . -5.48 -1.88 8.85
C32 91P C . -6.22 -2.55 9.97
C33 91P C . -7.53 -3.28 9.75
C35 91P C . -7.35 -2.66 7.28
C38 91P C . 1.44 -3.65 7.51
C40 91P C . 0.13 -3.93 8.25
C42 91P C . -1.12 -6.26 10.47
C43 91P C . -1.62 -6.08 11.70
C44 91P C . -2.59 -7.15 12.22
C47 91P C . -2.39 -8.47 10.07
N02 91P C . -1.11 -4.95 12.16
N04 91P C . -0.32 -5.27 10.16
N30 91P C . -6.05 -1.94 7.52
N34 91P C . -8.06 -3.31 8.40
N37 91P C . -8.26 -3.92 10.87
N46 91P C . -2.94 -8.30 11.40
N48 91P C . -1.47 -7.44 9.62
N49 91P C . -2.66 -9.59 9.14
O06 91P C . 2.06 -4.55 9.42
O09 91P C . 1.60 -1.99 10.23
O11 91P C . 2.27 0.47 10.67
O12 91P C . 0.13 -0.35 11.58
O13 91P C . 0.37 0.13 9.02
O15 91P C . 2.60 1.00 8.02
O16 91P C . 0.52 2.12 7.28
O17 91P C . 0.92 -0.21 6.42
O19 91P C . 0.66 1.44 4.44
O20 91P C . 0.23 -0.97 4.04
O21 91P C . -1.47 0.46 5.33
O24 91P C . -4.21 -1.77 6.24
O27 91P C . -6.41 1.04 6.08
O29 91P C . -5.00 0.62 4.22
O36 91P C . -7.82 -2.72 6.19
O39 91P C . 1.76 -4.73 6.73
O41 91P C . -0.90 -4.44 7.29
O45 91P C . -3.06 -7.03 13.30
P10 91P C . 1.07 -0.43 10.40
P14 91P C . 1.13 0.80 7.70
P18 91P C . 0.10 0.17 5.03
H221 91P C . -2.37 0.15 7.04
H222 91P C . -1.68 -1.14 6.43
H261 91P C . -5.04 0.43 7.41
H281 91P C . -3.93 1.37 5.85
H011 91P C . -2.23 -3.98 13.49
H013 91P C . -1.25 -5.03 14.14
H012 91P C . -0.68 -3.65 13.62
H031 91P C . 0.18 -3.64 11.27
H051 91P C . 0.44 -5.65 8.47
H071 91P C . 3.38 -3.79 8.27
H082 91P C . 3.50 -2.26 9.88
H081 91P C . 2.73 -1.54 8.70
H231 91P C . -3.13 -0.95 4.68
H251 91P C . -6.01 -1.60 5.61
H311 91P C . -4.68 -1.44 9.01
H321 91P C . -5.87 -2.51 10.83
H381 91P C . 1.36 -2.83 7.01
H401 91P C . -0.22 -3.16 8.72
H371 91P C . -9.10 -4.28 10.64
H372 91P C . -7.84 -3.96 11.69
H461 91P C . -3.49 -8.88 11.72
H491 91P C . -3.18 -10.32 9.45
H492 91P C . -2.27 -9.48 8.29
H271 91P C . -6.74 0.63 5.43
H291 91P C . -4.48 0.31 3.62
H391 91P C . 2.31 -5.23 7.15
H411 91P C . -1.12 -3.83 6.74
MG MG D . -3.18 0.36 9.91
#